data_4LPQ
#
_entry.id   4LPQ
#
_cell.length_a   62.849
_cell.length_b   62.849
_cell.length_c   167.210
_cell.angle_alpha   90.00
_cell.angle_beta   90.00
_cell.angle_gamma   90.00
#
_symmetry.space_group_name_H-M   'P 43 21 2'
#
loop_
_entity.id
_entity.type
_entity.pdbx_description
1 polymer 'ErfK/YbiS/YcfS/YnhG family protein'
2 non-polymer 'CHLORIDE ION'
3 water water
#
_entity_poly.entity_id   1
_entity_poly.type   'polypeptide(L)'
_entity_poly.pdbx_seq_one_letter_code
;SNAEPPAPQYPQRGSTGPEVLALQQRL(MSE)DLGYFILKADGDYGWATQQAVWAFQKAAGLYRDGVVGPQTQAALDAGY
RPTPRSSSGKVVEIDLDKQILLAVEDGRVVRIINASSGNGETYEAKGRTYRATTPRGDFAVY(MSE)QRDG(MSE)HSST
LELGD(MSE)WRPKYFRGGYAVHGSSSIPTYPASHGCVRVSNAA(MSE)NWLWDSWG(MSE)PIGTRVLLY
;
_entity_poly.pdbx_strand_id   A
#
loop_
_chem_comp.id
_chem_comp.type
_chem_comp.name
_chem_comp.formula
CL non-polymer 'CHLORIDE ION' 'Cl -1'
#
# COMPACT_ATOMS: atom_id res chain seq x y z
N GLU A 4 4.90 -40.51 -1.20
CA GLU A 4 3.67 -40.15 -0.59
C GLU A 4 3.87 -38.99 0.39
N PRO A 5 5.18 -38.54 0.59
CA PRO A 5 5.30 -37.43 1.55
C PRO A 5 4.77 -36.17 0.90
N PRO A 6 4.20 -35.23 1.66
CA PRO A 6 3.62 -34.02 1.06
C PRO A 6 4.70 -33.10 0.51
N ALA A 7 4.38 -32.23 -0.44
CA ALA A 7 5.42 -31.36 -0.98
C ALA A 7 5.38 -30.19 -0.09
N PRO A 8 6.32 -29.23 -0.44
CA PRO A 8 6.39 -28.17 0.53
C PRO A 8 5.13 -27.35 0.51
N GLN A 9 4.99 -26.57 1.54
CA GLN A 9 3.98 -25.58 1.60
C GLN A 9 4.54 -24.39 0.91
N TYR A 10 3.72 -23.77 0.12
CA TYR A 10 4.03 -22.45 -0.31
C TYR A 10 3.11 -21.54 0.51
N PRO A 11 3.65 -20.65 1.31
CA PRO A 11 2.77 -19.79 2.10
C PRO A 11 1.78 -19.01 1.24
N GLN A 12 0.49 -19.07 1.61
CA GLN A 12 -0.57 -18.39 0.91
C GLN A 12 -1.70 -18.14 1.90
N ARG A 13 -2.71 -17.36 1.46
CA ARG A 13 -3.78 -17.03 2.38
C ARG A 13 -4.40 -18.31 2.96
N GLY A 14 -4.51 -18.35 4.29
CA GLY A 14 -5.07 -19.47 5.01
C GLY A 14 -4.00 -20.38 5.56
N SER A 15 -2.80 -20.30 5.06
CA SER A 15 -1.72 -21.15 5.58
C SER A 15 -1.42 -20.79 7.04
N THR A 16 -0.85 -21.77 7.77
CA THR A 16 -0.32 -21.52 9.11
CA THR A 16 -0.37 -21.59 9.12
C THR A 16 0.93 -22.35 9.30
N GLY A 17 1.75 -21.89 10.22
CA GLY A 17 2.91 -22.64 10.57
C GLY A 17 4.21 -21.85 10.56
N PRO A 18 5.31 -22.55 10.84
CA PRO A 18 6.61 -21.97 10.96
C PRO A 18 7.00 -21.24 9.69
N GLU A 19 6.69 -21.78 8.53
CA GLU A 19 7.09 -21.08 7.30
C GLU A 19 6.33 -19.75 7.13
N VAL A 20 5.09 -19.72 7.59
CA VAL A 20 4.36 -18.46 7.57
C VAL A 20 5.01 -17.47 8.54
N LEU A 21 5.32 -17.92 9.75
CA LEU A 21 5.97 -17.08 10.73
C LEU A 21 7.28 -16.44 10.17
N ALA A 22 8.08 -17.30 9.52
CA ALA A 22 9.31 -16.83 8.92
C ALA A 22 9.09 -15.82 7.81
N LEU A 23 8.08 -16.04 6.99
CA LEU A 23 7.73 -15.09 5.98
C LEU A 23 7.32 -13.75 6.59
N GLN A 24 6.46 -13.77 7.59
CA GLN A 24 5.98 -12.56 8.18
C GLN A 24 7.16 -11.79 8.77
N GLN A 25 8.07 -12.48 9.46
CA GLN A 25 9.20 -11.81 10.03
C GLN A 25 10.14 -11.21 8.98
N ARG A 26 10.35 -11.92 7.88
CA ARG A 26 11.18 -11.42 6.84
C ARG A 26 10.59 -10.15 6.15
N LEU A 27 9.28 -10.20 5.89
CA LEU A 27 8.58 -9.04 5.40
C LEU A 27 8.75 -7.85 6.32
N MSE A 28 8.54 -8.14 7.62
CA MSE A 28 8.67 -7.06 8.63
C MSE A 28 10.07 -6.48 8.55
O MSE A 28 10.27 -5.22 8.57
CB MSE A 28 8.33 -7.62 9.99
CG MSE A 28 8.16 -6.49 11.03
SE MSE A 28 7.81 -7.15 12.81
CE MSE A 28 6.18 -8.14 12.43
N ASP A 29 11.08 -7.36 8.56
CA ASP A 29 12.48 -6.92 8.55
C ASP A 29 12.83 -6.06 7.35
N LEU A 30 12.25 -6.39 6.19
CA LEU A 30 12.50 -5.68 4.97
C LEU A 30 11.68 -4.42 4.81
N GLY A 31 10.77 -4.14 5.73
CA GLY A 31 9.99 -2.92 5.69
C GLY A 31 8.66 -2.95 5.02
N TYR A 32 8.21 -4.15 4.64
CA TYR A 32 6.88 -4.31 4.09
C TYR A 32 5.92 -4.26 5.25
N PHE A 33 4.86 -3.46 5.17
CA PHE A 33 4.04 -3.18 6.35
C PHE A 33 3.28 -4.38 6.80
N ILE A 34 3.57 -4.77 8.03
CA ILE A 34 2.96 -5.91 8.72
C ILE A 34 3.24 -5.70 10.22
N LEU A 35 2.26 -5.87 11.03
CA LEU A 35 2.38 -5.65 12.48
C LEU A 35 2.72 -6.88 13.31
N LYS A 36 2.28 -8.09 12.88
CA LYS A 36 2.37 -9.31 13.69
C LYS A 36 2.98 -10.44 12.92
N ALA A 37 3.94 -11.10 13.52
CA ALA A 37 4.47 -12.36 13.01
C ALA A 37 3.97 -13.43 13.96
N ASP A 38 2.82 -13.99 13.64
CA ASP A 38 2.14 -14.96 14.46
C ASP A 38 1.95 -16.34 13.86
N GLY A 39 2.37 -16.52 12.61
CA GLY A 39 2.27 -17.79 11.92
C GLY A 39 0.95 -18.07 11.23
N ASP A 40 0.05 -17.10 11.20
CA ASP A 40 -1.22 -17.26 10.49
CA ASP A 40 -1.22 -17.26 10.53
C ASP A 40 -1.32 -16.28 9.32
N TYR A 41 -1.42 -16.79 8.12
CA TYR A 41 -1.48 -15.94 6.93
C TYR A 41 -2.93 -15.51 6.69
N GLY A 42 -3.28 -14.38 7.30
CA GLY A 42 -4.53 -13.74 7.14
C GLY A 42 -4.52 -12.51 6.29
N TRP A 43 -5.53 -11.66 6.46
CA TRP A 43 -5.69 -10.49 5.63
C TRP A 43 -4.52 -9.52 5.65
N ALA A 44 -4.01 -9.29 6.89
CA ALA A 44 -2.92 -8.35 7.04
C ALA A 44 -1.64 -8.84 6.36
N THR A 45 -1.40 -10.13 6.49
CA THR A 45 -0.28 -10.73 5.82
C THR A 45 -0.43 -10.67 4.31
N GLN A 46 -1.68 -10.86 3.84
CA GLN A 46 -1.94 -10.73 2.41
C GLN A 46 -1.53 -9.41 1.88
N GLN A 47 -1.86 -8.33 2.57
CA GLN A 47 -1.49 -7.01 2.12
C GLN A 47 0.03 -6.89 1.95
N ALA A 48 0.75 -7.45 2.93
CA ALA A 48 2.22 -7.36 2.86
C ALA A 48 2.83 -8.18 1.75
N VAL A 49 2.28 -9.42 1.56
CA VAL A 49 2.74 -10.23 0.42
C VAL A 49 2.50 -9.60 -0.92
N TRP A 50 1.29 -9.07 -1.10
CA TRP A 50 0.97 -8.35 -2.33
C TRP A 50 1.91 -7.19 -2.54
N ALA A 51 2.20 -6.42 -1.45
CA ALA A 51 3.15 -5.31 -1.59
C ALA A 51 4.49 -5.80 -2.04
N PHE A 52 4.93 -6.94 -1.49
CA PHE A 52 6.20 -7.49 -1.86
C PHE A 52 6.28 -7.93 -3.30
N GLN A 53 5.29 -8.71 -3.70
CA GLN A 53 5.22 -9.18 -5.10
C GLN A 53 5.15 -8.01 -6.04
N LYS A 54 4.30 -7.03 -5.74
CA LYS A 54 4.30 -5.80 -6.54
C LYS A 54 5.66 -5.11 -6.66
N ALA A 55 6.31 -4.93 -5.51
CA ALA A 55 7.55 -4.23 -5.49
C ALA A 55 8.58 -4.94 -6.39
N ALA A 56 8.64 -6.29 -6.23
CA ALA A 56 9.63 -7.13 -6.88
C ALA A 56 9.26 -7.40 -8.35
N GLY A 57 8.11 -6.97 -8.81
CA GLY A 57 7.71 -7.21 -10.18
C GLY A 57 7.20 -8.61 -10.50
N LEU A 58 6.70 -9.30 -9.46
CA LEU A 58 6.27 -10.67 -9.59
C LEU A 58 4.79 -10.78 -9.76
N TYR A 59 4.35 -11.90 -10.28
CA TYR A 59 2.92 -12.15 -10.46
C TYR A 59 2.23 -12.04 -9.10
N ARG A 60 1.15 -11.26 -9.06
CA ARG A 60 0.56 -10.83 -7.79
C ARG A 60 -0.50 -11.83 -7.36
N ASP A 61 -0.13 -13.00 -6.98
CA ASP A 61 -1.03 -14.07 -6.60
C ASP A 61 -1.08 -14.41 -5.11
N GLY A 62 -0.26 -13.74 -4.26
CA GLY A 62 -0.26 -14.10 -2.86
C GLY A 62 0.36 -15.42 -2.50
N VAL A 63 0.88 -16.15 -3.46
CA VAL A 63 1.43 -17.48 -3.19
C VAL A 63 2.96 -17.35 -3.20
N VAL A 64 3.60 -17.67 -2.10
CA VAL A 64 5.05 -17.53 -1.99
C VAL A 64 5.72 -18.81 -2.49
N GLY A 65 5.80 -18.90 -3.80
CA GLY A 65 6.46 -20.01 -4.45
C GLY A 65 7.93 -19.74 -4.65
N PRO A 66 8.55 -20.57 -5.50
CA PRO A 66 10.02 -20.50 -5.67
C PRO A 66 10.54 -19.10 -6.06
N GLN A 67 9.88 -18.43 -7.03
CA GLN A 67 10.35 -17.14 -7.48
C GLN A 67 10.21 -16.07 -6.41
N THR A 68 9.05 -16.04 -5.74
CA THR A 68 8.88 -15.09 -4.65
C THR A 68 9.86 -15.30 -3.53
N GLN A 69 10.11 -16.56 -3.19
CA GLN A 69 11.08 -16.88 -2.16
C GLN A 69 12.45 -16.38 -2.55
N ALA A 70 12.83 -16.53 -3.82
CA ALA A 70 14.11 -16.04 -4.25
C ALA A 70 14.26 -14.55 -4.04
N ALA A 71 13.18 -13.82 -4.34
CA ALA A 71 13.21 -12.36 -4.17
C ALA A 71 13.27 -12.01 -2.66
N LEU A 72 12.56 -12.75 -1.84
CA LEU A 72 12.62 -12.55 -0.40
C LEU A 72 14.04 -12.72 0.10
N ASP A 73 14.66 -13.82 -0.35
CA ASP A 73 16.04 -14.12 0.07
C ASP A 73 17.00 -13.03 -0.42
N ALA A 74 16.74 -12.49 -1.62
CA ALA A 74 17.57 -11.41 -2.14
C ALA A 74 17.32 -10.08 -1.35
N GLY A 75 16.28 -10.02 -0.56
CA GLY A 75 16.02 -8.85 0.24
C GLY A 75 15.49 -7.71 -0.58
N TYR A 76 14.69 -7.95 -1.61
CA TYR A 76 14.25 -6.93 -2.55
C TYR A 76 13.50 -5.82 -1.81
N ARG A 77 13.99 -4.57 -2.07
CA ARG A 77 13.33 -3.33 -1.61
C ARG A 77 13.36 -2.37 -2.78
N PRO A 78 12.26 -1.62 -2.99
CA PRO A 78 12.29 -0.65 -4.09
C PRO A 78 13.23 0.57 -3.76
N THR A 79 13.75 1.17 -4.81
CA THR A 79 14.59 2.37 -4.67
C THR A 79 13.72 3.62 -4.80
N PRO A 80 13.72 4.49 -3.82
CA PRO A 80 12.82 5.68 -3.94
C PRO A 80 13.45 6.68 -4.95
N ARG A 81 12.63 7.62 -5.42
CA ARG A 81 13.10 8.68 -6.26
C ARG A 81 13.64 9.90 -5.48
N SER A 82 13.07 10.17 -4.30
CA SER A 82 13.51 11.31 -3.55
C SER A 82 14.78 10.99 -2.80
N SER A 83 15.50 12.06 -2.42
CA SER A 83 16.77 12.05 -1.67
C SER A 83 16.81 12.63 -0.27
N SER A 84 15.91 13.53 -0.02
CA SER A 84 15.91 14.15 1.26
CA SER A 84 15.93 14.32 1.19
C SER A 84 14.52 14.41 1.77
N GLY A 85 14.43 14.39 3.10
CA GLY A 85 13.23 14.67 3.84
C GLY A 85 12.22 13.58 3.81
N LYS A 86 11.07 13.84 4.37
CA LYS A 86 10.00 12.86 4.46
C LYS A 86 9.14 12.99 3.21
N VAL A 87 8.92 11.87 2.51
CA VAL A 87 8.17 11.91 1.25
C VAL A 87 7.33 10.64 1.19
N VAL A 88 6.09 10.81 0.76
CA VAL A 88 5.25 9.69 0.41
C VAL A 88 5.31 9.53 -1.12
N GLU A 89 5.88 8.41 -1.56
CA GLU A 89 5.98 8.15 -2.97
C GLU A 89 4.95 7.09 -3.33
N ILE A 90 4.25 7.28 -4.45
CA ILE A 90 3.28 6.32 -4.90
C ILE A 90 3.66 5.93 -6.32
N ASP A 91 4.06 4.65 -6.44
CA ASP A 91 4.43 4.01 -7.68
C ASP A 91 3.23 3.45 -8.32
N LEU A 92 2.66 4.14 -9.30
CA LEU A 92 1.41 3.73 -9.93
C LEU A 92 1.51 2.46 -10.73
N ASP A 93 2.66 2.20 -11.37
CA ASP A 93 2.84 0.97 -12.10
C ASP A 93 2.87 -0.25 -11.16
N LYS A 94 3.57 -0.13 -10.06
CA LYS A 94 3.68 -1.21 -9.09
C LYS A 94 2.55 -1.25 -8.08
N GLN A 95 1.76 -0.17 -7.97
CA GLN A 95 0.65 -0.09 -7.05
C GLN A 95 1.11 -0.26 -5.59
N ILE A 96 2.17 0.51 -5.20
CA ILE A 96 2.67 0.55 -3.84
C ILE A 96 2.88 2.00 -3.43
N LEU A 97 2.78 2.17 -2.12
CA LEU A 97 3.10 3.43 -1.46
C LEU A 97 4.34 3.22 -0.63
N LEU A 98 5.29 4.15 -0.77
CA LEU A 98 6.52 4.15 -0.05
C LEU A 98 6.55 5.32 0.96
N ALA A 99 6.80 5.01 2.23
CA ALA A 99 7.04 6.03 3.24
C ALA A 99 8.58 6.13 3.22
N VAL A 100 9.05 7.28 2.81
CA VAL A 100 10.49 7.53 2.53
C VAL A 100 11.02 8.64 3.46
N GLU A 101 12.18 8.43 4.04
CA GLU A 101 12.87 9.48 4.83
C GLU A 101 14.32 9.55 4.42
N ASP A 102 14.77 10.70 3.93
CA ASP A 102 16.15 10.92 3.57
C ASP A 102 16.66 9.89 2.55
N GLY A 103 15.81 9.62 1.56
CA GLY A 103 16.13 8.69 0.46
C GLY A 103 16.15 7.22 0.85
N ARG A 104 15.70 6.89 2.05
CA ARG A 104 15.61 5.50 2.53
C ARG A 104 14.12 5.16 2.66
N VAL A 105 13.73 4.01 2.12
CA VAL A 105 12.37 3.51 2.31
C VAL A 105 12.23 3.06 3.74
N VAL A 106 11.25 3.58 4.43
CA VAL A 106 10.91 3.18 5.78
C VAL A 106 9.88 2.05 5.79
N ARG A 107 8.85 2.21 4.93
CA ARG A 107 7.86 1.15 4.75
CA ARG A 107 7.86 1.23 4.78
C ARG A 107 7.38 1.12 3.33
N ILE A 108 7.05 -0.10 2.91
CA ILE A 108 6.36 -0.35 1.66
C ILE A 108 4.95 -0.81 2.01
N ILE A 109 3.93 -0.19 1.42
CA ILE A 109 2.54 -0.42 1.77
C ILE A 109 1.78 -0.80 0.50
N ASN A 110 0.98 -1.89 0.57
CA ASN A 110 0.14 -2.20 -0.58
C ASN A 110 -0.88 -1.08 -0.80
N ALA A 111 -1.05 -0.68 -2.09
CA ALA A 111 -1.93 0.41 -2.49
C ALA A 111 -2.78 0.03 -3.69
N SER A 112 -3.88 0.79 -3.92
CA SER A 112 -4.64 0.66 -5.11
C SER A 112 -5.16 1.99 -5.48
N SER A 113 -4.91 2.40 -6.75
CA SER A 113 -5.25 3.69 -7.28
C SER A 113 -6.30 3.63 -8.38
N GLY A 114 -6.46 4.70 -9.16
CA GLY A 114 -7.57 4.77 -10.08
C GLY A 114 -7.56 3.75 -11.21
N ASN A 115 -8.72 3.22 -11.50
CA ASN A 115 -8.83 2.22 -12.55
C ASN A 115 -8.83 2.70 -14.01
N GLY A 116 -8.82 4.02 -14.19
CA GLY A 116 -8.71 4.59 -15.51
C GLY A 116 -9.97 4.57 -16.31
N GLU A 117 -11.07 4.09 -15.73
CA GLU A 117 -12.35 3.94 -16.42
C GLU A 117 -13.23 5.17 -16.14
N THR A 118 -14.26 5.34 -16.98
CA THR A 118 -15.19 6.44 -16.72
C THR A 118 -16.12 6.09 -15.60
N TYR A 119 -16.60 7.11 -14.92
CA TYR A 119 -17.65 6.97 -13.91
C TYR A 119 -18.55 8.24 -13.93
N GLU A 120 -19.76 8.14 -13.39
CA GLU A 120 -20.69 9.26 -13.36
C GLU A 120 -20.94 9.72 -11.94
N ALA A 121 -21.02 11.03 -11.73
CA ALA A 121 -21.20 11.61 -10.37
C ALA A 121 -21.88 12.98 -10.45
N LYS A 122 -22.94 13.15 -9.64
CA LYS A 122 -23.78 14.36 -9.65
C LYS A 122 -24.08 14.70 -11.09
N GLY A 123 -24.43 13.70 -11.90
CA GLY A 123 -24.85 13.92 -13.29
C GLY A 123 -23.78 14.11 -14.37
N ARG A 124 -22.50 14.02 -14.03
CA ARG A 124 -21.43 14.26 -15.03
C ARG A 124 -20.52 13.03 -15.16
N THR A 125 -19.87 12.83 -16.33
CA THR A 125 -18.94 11.73 -16.52
C THR A 125 -17.49 12.21 -16.21
N TYR A 126 -16.76 11.37 -15.46
CA TYR A 126 -15.35 11.62 -15.07
C TYR A 126 -14.54 10.39 -15.47
N ARG A 127 -13.21 10.52 -15.52
CA ARG A 127 -12.34 9.41 -15.68
C ARG A 127 -11.47 9.18 -14.43
N ALA A 128 -11.41 7.93 -14.00
CA ALA A 128 -10.79 7.54 -12.77
C ALA A 128 -9.26 7.43 -12.87
N THR A 129 -8.65 8.50 -13.20
CA THR A 129 -7.22 8.67 -13.31
CA THR A 129 -7.22 8.52 -13.23
C THR A 129 -6.67 9.20 -11.98
N THR A 130 -5.56 8.68 -11.54
CA THR A 130 -4.81 9.26 -10.43
C THR A 130 -3.75 10.12 -10.99
N PRO A 131 -3.64 11.35 -10.53
CA PRO A 131 -2.67 12.20 -11.18
C PRO A 131 -1.23 11.87 -10.80
N ARG A 132 -0.36 11.98 -11.76
CA ARG A 132 1.06 11.91 -11.60
C ARG A 132 1.58 13.31 -11.34
N GLY A 133 2.57 13.41 -10.46
CA GLY A 133 3.15 14.68 -10.13
C GLY A 133 3.61 14.81 -8.74
N ASP A 134 3.95 16.08 -8.37
CA ASP A 134 4.61 16.36 -7.15
C ASP A 134 3.69 17.31 -6.34
N PHE A 135 3.09 16.75 -5.31
CA PHE A 135 2.02 17.40 -4.57
C PHE A 135 2.36 17.45 -3.09
N ALA A 136 1.45 17.88 -2.23
CA ALA A 136 1.68 17.93 -0.80
C ALA A 136 0.34 17.75 -0.10
N VAL A 137 0.41 17.11 1.08
CA VAL A 137 -0.74 17.04 1.94
C VAL A 137 -1.17 18.45 2.32
N TYR A 138 -2.42 18.80 2.06
CA TYR A 138 -2.89 20.15 2.35
C TYR A 138 -4.04 20.20 3.34
N MSE A 139 -4.68 19.06 3.51
CA MSE A 139 -5.78 18.85 4.51
CA MSE A 139 -5.73 18.87 4.52
C MSE A 139 -5.94 17.43 4.92
O MSE A 139 -5.44 16.56 4.17
CB MSE A 139 -7.04 19.45 3.91
CB MSE A 139 -7.03 19.43 4.00
CG MSE A 139 -8.35 19.22 4.78
CG MSE A 139 -7.79 18.86 2.92
SE MSE A 139 -9.97 19.93 4.04
SE MSE A 139 -9.58 19.67 2.87
CE MSE A 139 -9.15 19.96 2.40
CE MSE A 139 -10.35 19.65 4.59
N GLN A 140 -6.56 17.15 6.03
CA GLN A 140 -6.77 15.81 6.46
C GLN A 140 -8.07 15.81 7.25
N ARG A 141 -8.73 14.66 7.28
CA ARG A 141 -9.93 14.54 8.06
C ARG A 141 -9.79 13.28 8.87
N ASP A 142 -9.70 13.39 10.22
CA ASP A 142 -9.31 12.35 11.13
C ASP A 142 -10.45 11.51 11.66
N GLY A 143 -10.98 10.70 10.80
CA GLY A 143 -12.12 9.77 11.04
C GLY A 143 -12.59 9.23 9.68
N MSE A 144 -13.78 8.65 9.64
CA MSE A 144 -14.41 8.08 8.49
C MSE A 144 -15.19 9.19 7.75
O MSE A 144 -16.14 9.78 8.33
CB MSE A 144 -15.28 6.91 8.99
CG MSE A 144 -15.72 6.14 7.76
SE MSE A 144 -14.37 5.06 6.89
CE MSE A 144 -14.36 3.46 7.94
N HIS A 145 -14.87 9.47 6.48
CA HIS A 145 -15.52 10.53 5.70
C HIS A 145 -15.95 10.15 4.31
N SER A 146 -16.93 10.81 3.79
CA SER A 146 -17.40 10.61 2.44
C SER A 146 -16.44 11.32 1.47
N SER A 147 -16.55 10.94 0.20
CA SER A 147 -15.78 11.50 -0.88
C SER A 147 -16.61 11.97 -2.03
N THR A 148 -16.24 13.07 -2.66
CA THR A 148 -16.89 13.45 -3.95
C THR A 148 -16.46 12.57 -5.10
N LEU A 149 -15.28 11.93 -4.97
CA LEU A 149 -14.70 11.07 -6.01
C LEU A 149 -15.10 9.63 -5.79
N GLU A 150 -14.75 9.10 -4.66
CA GLU A 150 -14.94 7.69 -4.33
C GLU A 150 -16.36 7.36 -3.93
N LEU A 151 -16.79 6.15 -4.23
CA LEU A 151 -18.14 5.71 -3.83
C LEU A 151 -18.33 5.36 -2.39
N GLY A 152 -17.33 4.76 -1.80
CA GLY A 152 -17.49 4.41 -0.36
C GLY A 152 -16.90 5.53 0.50
N ASP A 153 -16.79 5.25 1.76
CA ASP A 153 -16.17 6.16 2.71
C ASP A 153 -14.65 5.89 2.77
N MSE A 154 -13.95 6.89 3.23
CA MSE A 154 -12.54 6.91 3.33
C MSE A 154 -12.15 7.03 4.79
O MSE A 154 -12.62 7.88 5.55
CB MSE A 154 -11.95 8.16 2.66
CG MSE A 154 -12.24 8.18 1.17
SE MSE A 154 -11.31 9.70 0.19
CE MSE A 154 -12.14 11.02 1.15
N TRP A 155 -11.22 6.18 5.23
CA TRP A 155 -10.68 6.20 6.61
C TRP A 155 -9.49 7.10 6.74
N ARG A 156 -9.59 8.18 7.50
CA ARG A 156 -8.50 9.08 7.79
C ARG A 156 -7.81 9.58 6.52
N PRO A 157 -8.57 10.17 5.60
CA PRO A 157 -7.91 10.73 4.39
C PRO A 157 -6.93 11.87 4.68
N LYS A 158 -5.87 11.80 3.89
CA LYS A 158 -4.90 12.85 3.77
C LYS A 158 -4.92 13.35 2.31
N TYR A 159 -5.44 14.53 2.10
CA TYR A 159 -5.71 15.04 0.78
C TYR A 159 -4.48 15.73 0.21
N PHE A 160 -4.14 15.44 -1.06
CA PHE A 160 -2.99 16.03 -1.72
C PHE A 160 -3.29 16.78 -2.98
N ARG A 161 -4.46 16.68 -3.61
CA ARG A 161 -4.81 17.52 -4.76
C ARG A 161 -6.31 17.50 -4.90
N GLY A 162 -6.98 18.56 -4.52
CA GLY A 162 -8.43 18.57 -4.57
C GLY A 162 -8.94 17.36 -3.77
N GLY A 163 -9.85 16.62 -4.36
CA GLY A 163 -10.41 15.46 -3.71
C GLY A 163 -9.57 14.22 -3.67
N TYR A 164 -8.44 14.27 -4.32
CA TYR A 164 -7.51 13.15 -4.37
C TYR A 164 -6.75 13.06 -3.03
N ALA A 165 -6.92 11.89 -2.39
CA ALA A 165 -6.38 11.61 -1.11
C ALA A 165 -5.80 10.23 -1.05
N VAL A 166 -4.90 10.04 -0.09
CA VAL A 166 -4.48 8.71 0.44
C VAL A 166 -5.39 8.41 1.63
N HIS A 167 -5.97 7.22 1.65
CA HIS A 167 -6.91 6.86 2.73
C HIS A 167 -6.97 5.42 2.99
N GLY A 168 -7.43 5.03 4.14
CA GLY A 168 -7.75 3.64 4.40
C GLY A 168 -9.06 3.19 3.78
N SER A 169 -9.05 1.94 3.39
CA SER A 169 -10.19 1.32 2.68
C SER A 169 -10.37 -0.09 3.11
N SER A 170 -11.55 -0.67 2.88
CA SER A 170 -11.74 -2.07 3.20
CA SER A 170 -11.81 -2.08 3.15
C SER A 170 -11.12 -3.06 2.24
N SER A 171 -10.87 -2.62 1.03
CA SER A 171 -10.34 -3.48 -0.06
C SER A 171 -9.27 -2.73 -0.83
N ILE A 172 -8.12 -3.38 -0.91
CA ILE A 172 -6.93 -2.83 -1.57
C ILE A 172 -6.40 -3.97 -2.47
N PRO A 173 -6.99 -4.11 -3.67
CA PRO A 173 -6.66 -5.26 -4.45
C PRO A 173 -5.35 -5.13 -5.24
N THR A 174 -5.00 -6.17 -5.96
CA THR A 174 -3.81 -6.22 -6.71
C THR A 174 -3.80 -5.50 -8.06
N TYR A 175 -4.90 -4.87 -8.38
CA TYR A 175 -5.04 -4.00 -9.54
C TYR A 175 -5.61 -2.68 -9.08
N PRO A 176 -5.45 -1.65 -9.91
CA PRO A 176 -6.02 -0.32 -9.58
C PRO A 176 -7.53 -0.37 -9.65
N ALA A 177 -8.20 -0.08 -8.54
CA ALA A 177 -9.62 -0.33 -8.41
C ALA A 177 -10.44 0.93 -8.06
N SER A 178 -9.77 2.06 -7.78
CA SER A 178 -10.47 3.24 -7.29
C SER A 178 -11.03 4.15 -8.35
N HIS A 179 -11.67 5.24 -7.89
CA HIS A 179 -12.03 6.36 -8.80
C HIS A 179 -10.96 7.42 -8.91
N GLY A 180 -9.78 7.14 -8.31
CA GLY A 180 -8.71 8.03 -8.39
C GLY A 180 -7.93 8.22 -7.10
N CYS A 181 -8.58 8.09 -5.91
CA CYS A 181 -7.80 8.19 -4.70
C CYS A 181 -6.89 6.97 -4.55
N VAL A 182 -5.94 7.08 -3.62
CA VAL A 182 -5.02 6.00 -3.35
C VAL A 182 -5.38 5.31 -2.08
N ARG A 183 -5.81 4.07 -2.12
CA ARG A 183 -6.24 3.29 -1.00
C ARG A 183 -5.06 2.50 -0.40
N VAL A 184 -5.08 2.39 0.90
CA VAL A 184 -4.20 1.51 1.70
C VAL A 184 -5.05 0.89 2.80
N SER A 185 -4.52 -0.08 3.55
CA SER A 185 -5.28 -0.64 4.66
C SER A 185 -5.51 0.37 5.76
N ASN A 186 -6.52 0.18 6.57
CA ASN A 186 -6.71 1.07 7.72
C ASN A 186 -5.51 1.06 8.68
N ALA A 187 -4.95 -0.15 8.89
CA ALA A 187 -3.79 -0.25 9.73
C ALA A 187 -2.61 0.54 9.19
N ALA A 188 -2.37 0.42 7.88
CA ALA A 188 -1.29 1.18 7.26
C ALA A 188 -1.57 2.69 7.41
N MSE A 189 -2.80 3.09 7.23
CA MSE A 189 -3.16 4.52 7.33
C MSE A 189 -2.90 4.97 8.79
O MSE A 189 -2.36 6.07 8.98
CB MSE A 189 -4.61 4.73 6.92
CG MSE A 189 -4.82 6.19 6.57
SE MSE A 189 -3.93 6.61 4.85
CE MSE A 189 -3.59 8.49 5.13
N ASN A 190 -3.26 4.17 9.77
CA ASN A 190 -3.05 4.52 11.15
C ASN A 190 -1.57 4.67 11.45
N TRP A 191 -0.77 3.78 10.87
CA TRP A 191 0.66 3.84 11.02
C TRP A 191 1.21 5.16 10.44
N LEU A 192 0.80 5.53 9.23
CA LEU A 192 1.20 6.77 8.59
C LEU A 192 0.85 7.95 9.48
N TRP A 193 -0.39 8.01 10.04
CA TRP A 193 -0.80 9.10 10.86
C TRP A 193 -0.06 9.19 12.17
N ASP A 194 -0.04 8.06 12.88
CA ASP A 194 0.18 8.05 14.34
C ASP A 194 1.57 7.64 14.76
N SER A 195 2.22 6.84 13.93
CA SER A 195 3.54 6.33 14.25
CA SER A 195 3.54 6.32 14.25
C SER A 195 4.62 7.02 13.44
N TRP A 196 4.50 6.93 12.13
CA TRP A 196 5.40 7.64 11.22
C TRP A 196 5.27 9.14 11.31
N GLY A 197 4.07 9.63 11.11
CA GLY A 197 3.72 11.01 11.04
C GLY A 197 3.85 11.47 9.61
N MSE A 198 2.77 12.08 9.14
CA MSE A 198 2.64 12.55 7.76
C MSE A 198 1.89 13.86 7.84
O MSE A 198 0.73 13.98 7.44
CB MSE A 198 1.86 11.44 6.98
CG MSE A 198 1.71 11.70 5.56
SE MSE A 198 0.74 10.12 4.82
CE MSE A 198 0.22 11.11 3.18
N PRO A 199 2.56 14.91 8.38
CA PRO A 199 1.81 16.11 8.67
C PRO A 199 1.44 16.91 7.48
N ILE A 200 0.56 17.88 7.64
CA ILE A 200 0.27 18.84 6.62
CA ILE A 200 0.31 18.85 6.58
C ILE A 200 1.63 19.37 6.08
N GLY A 201 1.74 19.45 4.77
CA GLY A 201 2.90 19.92 4.09
C GLY A 201 3.77 18.80 3.53
N THR A 202 3.54 17.56 3.96
CA THR A 202 4.37 16.44 3.50
C THR A 202 4.23 16.28 2.00
N ARG A 203 5.39 16.13 1.33
CA ARG A 203 5.44 15.87 -0.10
C ARG A 203 4.78 14.53 -0.42
N VAL A 204 4.02 14.52 -1.50
CA VAL A 204 3.41 13.30 -2.01
C VAL A 204 3.75 13.30 -3.50
N LEU A 205 4.57 12.32 -3.90
CA LEU A 205 5.12 12.24 -5.23
C LEU A 205 4.56 11.00 -5.92
N LEU A 206 3.88 11.14 -7.06
CA LEU A 206 3.23 10.01 -7.74
C LEU A 206 3.87 9.89 -9.08
N TYR A 207 4.22 8.68 -9.47
CA TYR A 207 4.85 8.48 -10.83
C TYR A 207 4.51 7.12 -11.39
CL CL B . -2.52 -11.80 8.97
CL CL C . -7.40 -16.60 6.33
CL CL D . 0.24 -9.75 -11.62
CL CL E . 6.31 -17.45 -6.69
#